data_4M8J
#
_entry.id   4M8J
#
_cell.length_a   129.075
_cell.length_b   129.075
_cell.length_c   160.717
_cell.angle_alpha   90.00
_cell.angle_beta   90.00
_cell.angle_gamma   120.00
#
_symmetry.space_group_name_H-M   'H 3'
#
loop_
_entity.id
_entity.type
_entity.pdbx_description
1 polymer 'L-carnitine/gamma-butyrobetaine antiporter'
2 non-polymer 3-CARBOXY-N,N,N-TRIMETHYLPROPAN-1-AMINIUM
3 water water
#
_entity_poly.entity_id   1
_entity_poly.type   'polypeptide(L)'
_entity_poly.pdbx_seq_one_letter_code
;MSKDNKKAGIEPKVFFPPLIIVGILCWLTVRDLDASNEVINAVFSYVTNVWGWAFEWYMVIMFGGWFWLVFGRYAKKRLG
DEKPEFSTASWIFMMFASCTSAAVLFWGSIEIYYYISSPPFGMEGYSAPAKEIGLAYSLFHWGPLPWATYSFLSVAFAYF
FFVRKMEVIRPSSTLVPLVGEKHVNGLFGTVVDNFYLVALILAMGTSLGLATPLVTECIQYLFGIPHTLQLDAIIISCWI
LLNAICVAFGLQKGVKIASDVETYLSFLMLGWVFIVGGASFIVNYFTDSVGTLLMYMPRMLFYTDPIGKGGFPQAWTVFY
WAWWVIYAIQMSIFLARISKGRTVRELCLGMVSGLTAGTWLIWTILGGNTLQLIDQNILNIPQLIDQYGVPRAIIETWAA
LPLSTATMWGFFILCFIATVTLINACSYTLAMSTCRSMKEGADPPLLVRIGWSVLVGIIGIILLALGGLKPIQTAIIAGG
CPLFFVNIMVTLSFIKDAKVHWKD
;
_entity_poly.pdbx_strand_id   A
#
loop_
_chem_comp.id
_chem_comp.type
_chem_comp.name
_chem_comp.formula
NM2 non-polymer 3-CARBOXY-N,N,N-TRIMETHYLPROPAN-1-AMINIUM 'C7 H16 N O2 1'
#
# COMPACT_ATOMS: atom_id res chain seq x y z
N GLY A 9 -28.85 -4.66 -5.07
CA GLY A 9 -28.80 -5.45 -6.29
C GLY A 9 -27.42 -5.47 -6.90
N ILE A 10 -26.97 -6.65 -7.32
CA ILE A 10 -25.63 -6.81 -7.87
C ILE A 10 -25.54 -6.35 -9.33
N GLU A 11 -24.32 -6.10 -9.79
CA GLU A 11 -24.09 -5.72 -11.18
C GLU A 11 -23.29 -6.84 -11.86
N PRO A 12 -24.01 -7.77 -12.52
CA PRO A 12 -23.42 -8.92 -13.22
C PRO A 12 -22.38 -8.48 -14.25
N LYS A 13 -22.51 -7.23 -14.69
CA LYS A 13 -21.57 -6.59 -15.61
C LYS A 13 -20.14 -6.64 -15.07
N VAL A 14 -20.00 -6.36 -13.77
CA VAL A 14 -18.68 -6.32 -13.15
C VAL A 14 -18.53 -7.35 -12.02
N PHE A 15 -19.60 -8.06 -11.71
CA PHE A 15 -19.58 -9.05 -10.63
C PHE A 15 -18.92 -10.34 -11.07
N PHE A 16 -19.49 -10.96 -12.10
CA PHE A 16 -19.09 -12.30 -12.53
C PHE A 16 -17.67 -12.45 -13.08
N PRO A 17 -17.24 -11.55 -13.99
CA PRO A 17 -15.88 -11.76 -14.54
C PRO A 17 -14.77 -11.95 -13.49
N PRO A 18 -14.56 -10.99 -12.56
CA PRO A 18 -13.43 -11.20 -11.65
C PRO A 18 -13.59 -12.47 -10.79
N LEU A 19 -14.81 -12.73 -10.32
CA LEU A 19 -15.08 -13.91 -9.49
C LEU A 19 -14.70 -15.20 -10.21
N ILE A 20 -14.92 -15.22 -11.53
CA ILE A 20 -14.52 -16.37 -12.34
C ILE A 20 -13.00 -16.48 -12.40
N ILE A 21 -12.33 -15.43 -12.86
CA ILE A 21 -10.87 -15.42 -13.01
C ILE A 21 -10.14 -15.71 -11.71
N VAL A 22 -10.46 -14.95 -10.66
CA VAL A 22 -9.81 -15.13 -9.37
C VAL A 22 -10.06 -16.54 -8.82
N GLY A 23 -11.21 -17.12 -9.17
CA GLY A 23 -11.48 -18.50 -8.87
C GLY A 23 -10.58 -19.44 -9.66
N ILE A 24 -10.40 -19.13 -10.94
CA ILE A 24 -9.54 -19.90 -11.83
C ILE A 24 -8.07 -19.83 -11.40
N LEU A 25 -7.59 -18.63 -11.09
CA LEU A 25 -6.21 -18.42 -10.70
C LEU A 25 -5.85 -19.18 -9.43
N CYS A 26 -6.83 -19.37 -8.56
CA CYS A 26 -6.68 -20.22 -7.38
C CYS A 26 -6.57 -21.68 -7.80
N TRP A 27 -7.50 -22.09 -8.65
CA TRP A 27 -7.58 -23.45 -9.17
C TRP A 27 -6.24 -23.97 -9.68
N LEU A 28 -5.68 -23.29 -10.67
CA LEU A 28 -4.41 -23.69 -11.29
C LEU A 28 -3.25 -23.63 -10.30
N THR A 29 -3.23 -22.60 -9.46
CA THR A 29 -2.15 -22.41 -8.50
C THR A 29 -2.19 -23.42 -7.36
N VAL A 30 -3.36 -23.58 -6.75
CA VAL A 30 -3.51 -24.46 -5.59
C VAL A 30 -3.38 -25.94 -5.98
N ARG A 31 -3.45 -26.22 -7.28
CA ARG A 31 -3.41 -27.59 -7.78
C ARG A 31 -1.98 -28.16 -7.78
N ASP A 32 -1.00 -27.28 -7.91
CA ASP A 32 0.40 -27.69 -7.93
C ASP A 32 1.29 -26.51 -7.53
N LEU A 33 1.61 -26.44 -6.24
CA LEU A 33 2.33 -25.30 -5.67
C LEU A 33 3.83 -25.33 -5.96
N ASP A 34 4.26 -26.27 -6.78
CA ASP A 34 5.66 -26.36 -7.17
C ASP A 34 5.87 -25.69 -8.53
N ALA A 35 5.02 -26.03 -9.49
CA ALA A 35 5.07 -25.44 -10.82
C ALA A 35 4.72 -23.95 -10.75
N SER A 36 3.88 -23.59 -9.79
CA SER A 36 3.48 -22.20 -9.59
C SER A 36 4.68 -21.32 -9.27
N ASN A 37 5.51 -21.76 -8.33
CA ASN A 37 6.71 -21.01 -7.97
C ASN A 37 7.79 -21.10 -9.05
N GLU A 38 7.55 -21.90 -10.08
CA GLU A 38 8.44 -21.96 -11.25
C GLU A 38 8.01 -20.94 -12.28
N VAL A 39 6.76 -20.50 -12.19
CA VAL A 39 6.23 -19.44 -13.05
C VAL A 39 6.06 -18.12 -12.27
N ILE A 40 5.74 -18.21 -10.98
CA ILE A 40 5.75 -17.04 -10.11
C ILE A 40 7.09 -16.33 -10.19
N ASN A 41 8.16 -17.12 -10.10
CA ASN A 41 9.52 -16.61 -10.16
C ASN A 41 9.98 -16.39 -11.59
N ALA A 42 9.11 -16.66 -12.55
CA ALA A 42 9.41 -16.46 -13.97
C ALA A 42 8.68 -15.24 -14.53
N VAL A 43 7.45 -15.03 -14.06
CA VAL A 43 6.67 -13.86 -14.44
C VAL A 43 7.30 -12.61 -13.83
N PHE A 44 7.72 -12.72 -12.57
N PHE A 44 7.72 -12.72 -12.57
CA PHE A 44 8.37 -11.61 -11.87
CA PHE A 44 8.37 -11.61 -11.87
C PHE A 44 9.65 -11.19 -12.59
C PHE A 44 9.65 -11.19 -12.59
N SER A 45 10.48 -12.17 -12.92
CA SER A 45 11.76 -11.92 -13.56
C SER A 45 11.62 -11.26 -14.93
N TYR A 46 10.53 -11.57 -15.63
CA TYR A 46 10.29 -10.98 -16.94
C TYR A 46 9.91 -9.50 -16.85
N VAL A 47 8.78 -9.24 -16.21
CA VAL A 47 8.22 -7.88 -16.12
C VAL A 47 9.23 -6.84 -15.61
N THR A 48 9.86 -7.12 -14.49
CA THR A 48 10.82 -6.19 -13.90
C THR A 48 12.03 -5.94 -14.78
N ASN A 49 12.57 -7.00 -15.37
CA ASN A 49 13.81 -6.91 -16.14
C ASN A 49 13.66 -6.31 -17.55
N VAL A 50 12.44 -6.09 -18.00
CA VAL A 50 12.23 -5.54 -19.34
C VAL A 50 11.19 -4.40 -19.35
N TRP A 51 10.29 -4.40 -18.39
CA TRP A 51 9.28 -3.34 -18.28
C TRP A 51 9.42 -2.54 -16.99
N GLY A 52 10.52 -2.74 -16.28
CA GLY A 52 10.77 -2.03 -15.03
C GLY A 52 10.86 -0.53 -15.22
N TRP A 53 11.51 -0.12 -16.30
CA TRP A 53 11.67 1.30 -16.63
C TRP A 53 10.35 1.99 -16.93
N ALA A 54 9.37 1.24 -17.42
CA ALA A 54 8.06 1.80 -17.70
C ALA A 54 7.43 2.38 -16.44
N PHE A 55 7.53 1.63 -15.35
CA PHE A 55 7.02 2.08 -14.05
C PHE A 55 7.73 3.34 -13.59
N GLU A 56 9.03 3.41 -13.86
CA GLU A 56 9.87 4.50 -13.33
C GLU A 56 9.62 5.82 -14.04
N TRP A 57 9.43 5.77 -15.35
CA TRP A 57 9.09 6.96 -16.11
C TRP A 57 7.70 7.44 -15.72
N TYR A 58 6.82 6.49 -15.42
CA TYR A 58 5.50 6.80 -14.90
C TYR A 58 5.63 7.61 -13.61
N MET A 59 6.53 7.17 -12.74
CA MET A 59 6.73 7.81 -11.44
C MET A 59 7.49 9.12 -11.53
N VAL A 60 8.13 9.38 -12.66
CA VAL A 60 8.87 10.62 -12.86
C VAL A 60 8.05 11.63 -13.65
N ILE A 61 7.04 11.14 -14.39
CA ILE A 61 6.16 11.99 -15.19
C ILE A 61 5.00 12.51 -14.34
N MET A 62 4.40 11.61 -13.55
CA MET A 62 3.39 11.99 -12.57
C MET A 62 3.99 12.94 -11.54
N PHE A 63 5.29 12.79 -11.32
CA PHE A 63 6.06 13.68 -10.45
C PHE A 63 6.12 15.06 -11.07
N GLY A 64 6.09 15.11 -12.40
CA GLY A 64 6.12 16.37 -13.12
C GLY A 64 4.81 17.12 -12.98
N GLY A 65 3.71 16.38 -13.02
CA GLY A 65 2.39 16.97 -12.87
C GLY A 65 2.20 17.64 -11.52
N TRP A 66 2.87 17.11 -10.50
CA TRP A 66 2.85 17.70 -9.17
C TRP A 66 3.28 19.16 -9.23
N PHE A 67 4.46 19.39 -9.82
CA PHE A 67 4.99 20.73 -9.98
C PHE A 67 4.11 21.54 -10.92
N TRP A 68 3.49 20.86 -11.89
CA TRP A 68 2.59 21.54 -12.79
C TRP A 68 1.31 21.97 -12.09
N LEU A 69 0.83 21.13 -11.17
CA LEU A 69 -0.34 21.49 -10.37
C LEU A 69 -0.04 22.69 -9.48
N VAL A 70 1.04 22.58 -8.71
CA VAL A 70 1.44 23.62 -7.77
C VAL A 70 1.78 24.96 -8.46
N PHE A 71 2.38 24.88 -9.64
CA PHE A 71 2.85 26.09 -10.32
C PHE A 71 2.10 26.39 -11.62
N GLY A 72 1.01 25.68 -11.88
CA GLY A 72 0.26 25.88 -13.12
C GLY A 72 -0.94 26.77 -12.98
N ARG A 73 -1.76 26.81 -14.02
CA ARG A 73 -2.95 27.67 -14.05
C ARG A 73 -4.05 27.13 -13.14
N TYR A 74 -3.85 25.94 -12.59
CA TYR A 74 -4.82 25.33 -11.69
C TYR A 74 -4.42 25.48 -10.24
N ALA A 75 -3.26 26.07 -10.01
CA ALA A 75 -2.69 26.22 -8.66
C ALA A 75 -3.67 26.79 -7.64
N LYS A 76 -4.12 28.02 -7.88
CA LYS A 76 -5.03 28.69 -6.97
C LYS A 76 -6.49 28.34 -7.24
N LYS A 77 -6.72 27.39 -8.15
CA LYS A 77 -8.06 26.90 -8.42
C LYS A 77 -8.60 26.13 -7.22
N ARG A 78 -9.83 26.43 -6.83
CA ARG A 78 -10.46 25.81 -5.66
C ARG A 78 -11.50 24.77 -6.07
N LEU A 79 -11.37 23.56 -5.55
CA LEU A 79 -12.30 22.48 -5.87
C LEU A 79 -13.44 22.42 -4.85
N GLY A 80 -14.67 22.39 -5.35
CA GLY A 80 -15.86 22.40 -4.51
C GLY A 80 -16.40 23.80 -4.29
N ASP A 81 -15.48 24.75 -4.08
CA ASP A 81 -15.81 26.16 -3.90
C ASP A 81 -16.60 26.48 -2.63
N GLU A 82 -16.10 26.01 -1.49
CA GLU A 82 -16.71 26.31 -0.19
C GLU A 82 -15.74 26.07 0.95
N LYS A 83 -16.17 26.39 2.17
CA LYS A 83 -15.37 26.12 3.36
C LYS A 83 -15.15 24.63 3.53
N PRO A 84 -13.92 24.24 3.91
CA PRO A 84 -13.60 22.83 4.11
C PRO A 84 -14.36 22.23 5.28
N GLU A 85 -14.51 20.91 5.30
CA GLU A 85 -15.22 20.24 6.38
C GLU A 85 -14.32 20.17 7.61
N PHE A 86 -13.03 19.94 7.38
CA PHE A 86 -12.08 19.76 8.48
C PHE A 86 -11.17 20.97 8.66
N SER A 87 -10.74 21.19 9.89
CA SER A 87 -9.66 22.15 10.14
C SER A 87 -8.38 21.50 9.64
N THR A 88 -7.40 22.32 9.27
CA THR A 88 -6.13 21.82 8.78
C THR A 88 -5.47 20.85 9.75
N ALA A 89 -5.61 21.14 11.05
CA ALA A 89 -5.07 20.29 12.10
C ALA A 89 -5.63 18.88 12.03
N SER A 90 -6.96 18.77 12.01
CA SER A 90 -7.61 17.48 11.89
C SER A 90 -7.32 16.87 10.52
N TRP A 91 -7.45 17.68 9.48
CA TRP A 91 -7.23 17.27 8.09
C TRP A 91 -5.86 16.62 7.86
N ILE A 92 -4.81 17.32 8.29
CA ILE A 92 -3.44 16.78 8.22
C ILE A 92 -3.33 15.49 9.04
N PHE A 93 -3.85 15.51 10.26
CA PHE A 93 -3.81 14.37 11.15
C PHE A 93 -4.49 13.14 10.56
N MET A 94 -5.55 13.36 9.77
CA MET A 94 -6.27 12.26 9.13
C MET A 94 -5.41 11.56 8.07
N MET A 95 -4.47 12.31 7.50
CA MET A 95 -3.50 11.75 6.57
C MET A 95 -2.43 11.03 7.37
N PHE A 96 -1.98 11.70 8.42
CA PHE A 96 -0.97 11.18 9.35
C PHE A 96 -1.41 9.83 9.92
N ALA A 97 -2.72 9.68 10.13
CA ALA A 97 -3.28 8.46 10.71
C ALA A 97 -3.38 7.34 9.69
N SER A 98 -3.56 7.70 8.43
CA SER A 98 -3.80 6.73 7.36
C SER A 98 -2.56 5.93 6.98
N CYS A 99 -1.43 6.23 7.62
CA CYS A 99 -0.16 5.57 7.29
C CYS A 99 0.09 4.31 8.12
N THR A 100 -0.88 3.95 8.95
CA THR A 100 -0.76 2.75 9.78
C THR A 100 -1.41 1.55 9.11
N SER A 101 -0.68 0.43 9.08
CA SER A 101 -1.20 -0.81 8.53
C SER A 101 -0.39 -1.99 9.06
N ALA A 102 -0.63 -3.17 8.49
CA ALA A 102 0.13 -4.36 8.87
C ALA A 102 1.36 -4.51 7.99
N ALA A 103 1.18 -4.21 6.70
CA ALA A 103 2.26 -4.35 5.73
C ALA A 103 3.40 -3.36 5.98
N VAL A 104 3.09 -2.26 6.66
CA VAL A 104 4.10 -1.24 6.93
C VAL A 104 5.05 -1.64 8.07
N LEU A 105 4.49 -2.18 9.14
CA LEU A 105 5.28 -2.72 10.24
C LEU A 105 6.16 -3.84 9.70
N PHE A 106 5.67 -4.49 8.66
CA PHE A 106 6.40 -5.56 7.98
C PHE A 106 7.57 -4.99 7.18
N TRP A 107 7.30 -4.02 6.32
CA TRP A 107 8.34 -3.42 5.49
C TRP A 107 9.22 -2.44 6.27
N GLY A 108 8.63 -1.71 7.22
CA GLY A 108 9.39 -0.78 8.02
C GLY A 108 10.47 -1.45 8.85
N SER A 109 10.33 -2.76 9.06
CA SER A 109 11.23 -3.50 9.92
C SER A 109 12.35 -4.21 9.17
N ILE A 110 12.02 -4.83 8.03
CA ILE A 110 12.96 -5.72 7.36
C ILE A 110 13.58 -5.13 6.09
N GLU A 111 13.01 -4.05 5.58
CA GLU A 111 13.45 -3.45 4.33
C GLU A 111 14.92 -3.03 4.37
N ILE A 112 15.34 -2.51 5.52
CA ILE A 112 16.71 -2.01 5.67
C ILE A 112 17.73 -3.15 5.63
N TYR A 113 17.32 -4.35 6.04
CA TYR A 113 18.21 -5.50 5.99
C TYR A 113 18.54 -5.90 4.55
N TYR A 114 17.56 -5.76 3.67
CA TYR A 114 17.77 -6.12 2.27
C TYR A 114 18.58 -5.06 1.52
N TYR A 115 18.53 -3.83 2.02
CA TYR A 115 19.34 -2.76 1.46
C TYR A 115 20.77 -2.89 1.98
N ILE A 116 20.92 -3.50 3.16
CA ILE A 116 22.23 -3.60 3.78
C ILE A 116 22.94 -4.92 3.41
N SER A 117 22.18 -5.97 3.16
CA SER A 117 22.77 -7.25 2.78
C SER A 117 23.36 -7.17 1.38
N SER A 118 22.48 -7.09 0.38
CA SER A 118 22.89 -6.94 -1.00
C SER A 118 22.52 -5.55 -1.50
N PRO A 119 23.41 -4.57 -1.30
CA PRO A 119 23.16 -3.15 -1.55
C PRO A 119 23.14 -2.79 -3.02
N PRO A 120 22.63 -1.59 -3.37
CA PRO A 120 22.65 -1.12 -4.76
C PRO A 120 24.01 -0.53 -5.12
N PHE A 121 24.13 -0.06 -6.35
CA PHE A 121 25.34 0.63 -6.83
C PHE A 121 26.59 -0.25 -6.78
N GLY A 122 26.38 -1.56 -6.73
CA GLY A 122 27.48 -2.52 -6.72
C GLY A 122 28.31 -2.50 -5.46
N MET A 123 27.79 -1.85 -4.41
CA MET A 123 28.49 -1.79 -3.13
C MET A 123 28.64 -3.18 -2.54
N GLU A 124 29.62 -3.34 -1.64
CA GLU A 124 29.86 -4.63 -1.01
C GLU A 124 28.85 -4.88 0.11
N GLY A 125 28.64 -6.15 0.44
CA GLY A 125 27.72 -6.53 1.49
C GLY A 125 28.17 -6.06 2.86
N TYR A 126 27.26 -5.44 3.60
CA TYR A 126 27.54 -4.94 4.95
C TYR A 126 28.65 -3.91 5.00
N SER A 127 28.90 -3.24 3.88
CA SER A 127 29.89 -2.17 3.84
C SER A 127 29.33 -0.94 4.53
N ALA A 128 30.20 -0.07 5.02
CA ALA A 128 29.76 1.23 5.51
C ALA A 128 29.03 2.07 4.45
N PRO A 129 29.55 2.10 3.20
CA PRO A 129 28.78 2.78 2.14
C PRO A 129 27.37 2.21 1.96
N ALA A 130 27.18 0.94 2.32
CA ALA A 130 25.87 0.32 2.21
C ALA A 130 24.95 0.67 3.38
N LYS A 131 25.55 0.90 4.57
CA LYS A 131 24.78 1.32 5.74
C LYS A 131 24.43 2.80 5.65
N GLU A 132 25.20 3.54 4.85
CA GLU A 132 24.90 4.93 4.57
C GLU A 132 23.62 5.02 3.75
N ILE A 133 23.59 4.28 2.66
CA ILE A 133 22.51 4.33 1.70
C ILE A 133 21.29 3.51 2.13
N GLY A 134 21.47 2.70 3.18
CA GLY A 134 20.42 1.81 3.64
C GLY A 134 19.09 2.50 3.94
N LEU A 135 19.10 3.41 4.89
CA LEU A 135 17.89 4.14 5.27
C LEU A 135 17.44 5.08 4.16
N ALA A 136 18.39 5.81 3.58
CA ALA A 136 18.12 6.82 2.56
C ALA A 136 17.24 6.29 1.41
N TYR A 137 17.33 5.00 1.15
CA TYR A 137 16.53 4.37 0.10
C TYR A 137 15.08 4.19 0.52
N SER A 138 14.86 3.93 1.81
CA SER A 138 13.51 3.82 2.35
C SER A 138 12.81 5.17 2.31
N LEU A 139 13.59 6.22 2.58
CA LEU A 139 13.09 7.59 2.57
C LEU A 139 12.73 8.02 1.16
N PHE A 140 13.19 7.24 0.19
CA PHE A 140 12.96 7.51 -1.23
C PHE A 140 11.73 6.77 -1.74
N HIS A 141 11.65 5.47 -1.42
CA HIS A 141 10.53 4.63 -1.82
C HIS A 141 9.26 5.00 -1.06
N TRP A 142 9.43 5.59 0.11
CA TRP A 142 8.29 5.91 0.97
C TRP A 142 8.35 7.37 1.42
N GLY A 143 8.78 8.25 0.53
CA GLY A 143 8.92 9.65 0.85
C GLY A 143 7.99 10.55 0.05
N PRO A 144 8.35 11.84 -0.08
CA PRO A 144 7.55 12.84 -0.76
C PRO A 144 7.50 12.61 -2.27
N LEU A 145 8.29 11.66 -2.76
CA LEU A 145 8.39 11.42 -4.19
C LEU A 145 7.30 10.46 -4.74
N PRO A 146 7.02 9.35 -4.03
CA PRO A 146 5.87 8.57 -4.51
C PRO A 146 4.54 9.21 -4.13
N TRP A 147 4.50 9.92 -3.00
CA TRP A 147 3.31 10.64 -2.58
C TRP A 147 2.93 11.73 -3.57
N ALA A 148 3.93 12.33 -4.21
CA ALA A 148 3.70 13.39 -5.19
C ALA A 148 2.99 12.85 -6.43
N THR A 149 3.18 11.57 -6.72
CA THR A 149 2.60 10.95 -7.91
C THR A 149 1.17 10.45 -7.64
N TYR A 150 0.62 10.84 -6.50
CA TYR A 150 -0.75 10.53 -6.16
C TYR A 150 -1.61 11.79 -6.26
N SER A 151 -0.94 12.94 -6.18
CA SER A 151 -1.61 14.23 -6.14
C SER A 151 -2.43 14.51 -7.40
N PHE A 152 -1.93 14.07 -8.54
CA PHE A 152 -2.61 14.31 -9.81
C PHE A 152 -3.97 13.63 -9.84
N LEU A 153 -4.06 12.46 -9.20
CA LEU A 153 -5.32 11.73 -9.15
C LEU A 153 -6.21 12.19 -7.99
N SER A 154 -5.60 12.51 -6.85
CA SER A 154 -6.34 12.99 -5.70
C SER A 154 -6.99 14.34 -6.02
N VAL A 155 -6.33 15.12 -6.87
CA VAL A 155 -6.90 16.37 -7.36
C VAL A 155 -7.93 16.06 -8.45
N ALA A 156 -7.63 15.06 -9.28
CA ALA A 156 -8.56 14.62 -10.32
C ALA A 156 -9.92 14.25 -9.73
N PHE A 157 -9.92 13.37 -8.74
CA PHE A 157 -11.17 12.93 -8.12
C PHE A 157 -11.85 14.04 -7.32
N ALA A 158 -11.08 14.80 -6.57
CA ALA A 158 -11.61 15.94 -5.81
C ALA A 158 -12.20 16.97 -6.76
N TYR A 159 -11.71 16.95 -8.00
CA TYR A 159 -12.27 17.77 -9.05
C TYR A 159 -13.61 17.20 -9.51
N PHE A 160 -13.61 15.93 -9.90
CA PHE A 160 -14.83 15.27 -10.36
C PHE A 160 -15.94 15.27 -9.30
N PHE A 161 -15.57 14.95 -8.06
CA PHE A 161 -16.53 14.88 -6.97
C PHE A 161 -17.14 16.23 -6.61
N PHE A 162 -16.35 17.28 -6.73
CA PHE A 162 -16.72 18.56 -6.13
C PHE A 162 -16.91 19.71 -7.13
N VAL A 163 -16.13 19.71 -8.20
CA VAL A 163 -16.31 20.73 -9.24
C VAL A 163 -17.39 20.28 -10.21
N ARG A 164 -17.31 19.01 -10.59
CA ARG A 164 -18.25 18.40 -11.53
C ARG A 164 -19.36 17.68 -10.78
N LYS A 165 -19.29 17.74 -9.44
CA LYS A 165 -20.34 17.22 -8.55
C LYS A 165 -20.86 15.81 -8.83
N MET A 166 -20.18 15.08 -9.71
CA MET A 166 -20.59 13.72 -10.03
C MET A 166 -20.19 12.78 -8.90
N GLU A 167 -20.36 11.49 -9.13
CA GLU A 167 -19.98 10.50 -8.12
C GLU A 167 -19.48 9.23 -8.81
N VAL A 168 -18.21 8.92 -8.60
CA VAL A 168 -17.64 7.72 -9.18
C VAL A 168 -17.37 6.64 -8.13
N ILE A 169 -17.73 5.41 -8.48
CA ILE A 169 -17.40 4.25 -7.69
C ILE A 169 -16.36 3.47 -8.48
N ARG A 170 -16.70 3.19 -9.73
CA ARG A 170 -15.79 2.53 -10.67
C ARG A 170 -15.12 3.58 -11.54
N PRO A 171 -13.82 3.37 -11.84
CA PRO A 171 -12.97 4.31 -12.58
C PRO A 171 -13.53 4.65 -13.97
N SER A 172 -14.25 3.72 -14.59
CA SER A 172 -14.81 3.93 -15.92
C SER A 172 -15.76 5.12 -15.99
N SER A 173 -16.30 5.51 -14.83
CA SER A 173 -17.21 6.64 -14.73
C SER A 173 -16.46 7.97 -14.90
N THR A 174 -15.14 7.89 -15.02
CA THR A 174 -14.31 9.08 -15.17
C THR A 174 -13.82 9.24 -16.61
N LEU A 175 -13.85 8.15 -17.38
CA LEU A 175 -13.34 8.15 -18.74
C LEU A 175 -14.32 8.74 -19.76
N VAL A 176 -15.42 9.29 -19.25
CA VAL A 176 -16.45 9.90 -20.12
C VAL A 176 -15.90 10.93 -21.12
N PRO A 177 -14.98 11.81 -20.71
CA PRO A 177 -14.55 12.80 -21.71
C PRO A 177 -13.28 12.44 -22.48
N LEU A 178 -13.05 11.17 -22.78
CA LEU A 178 -11.98 10.81 -23.72
C LEU A 178 -12.38 9.68 -24.69
N VAL A 179 -13.30 8.82 -24.26
CA VAL A 179 -13.77 7.73 -25.12
C VAL A 179 -15.27 7.83 -25.40
N GLY A 180 -15.92 8.84 -24.83
CA GLY A 180 -17.33 9.07 -25.05
C GLY A 180 -18.23 8.05 -24.37
N GLU A 181 -19.51 8.39 -24.26
CA GLU A 181 -20.49 7.55 -23.59
C GLU A 181 -20.63 6.16 -24.23
N LYS A 182 -20.33 6.07 -25.52
CA LYS A 182 -20.42 4.81 -26.25
C LYS A 182 -19.45 3.77 -25.72
N HIS A 183 -18.19 4.17 -25.52
CA HIS A 183 -17.17 3.26 -25.01
C HIS A 183 -17.30 3.02 -23.51
N VAL A 184 -17.60 4.08 -22.77
CA VAL A 184 -17.68 4.02 -21.31
C VAL A 184 -18.64 2.93 -20.81
N ASN A 185 -19.89 3.00 -21.21
CA ASN A 185 -20.89 2.01 -20.80
C ASN A 185 -20.90 0.79 -21.72
N GLY A 186 -19.88 0.67 -22.55
CA GLY A 186 -19.81 -0.42 -23.51
C GLY A 186 -18.94 -1.58 -23.04
N LEU A 187 -18.04 -2.03 -23.92
CA LEU A 187 -17.15 -3.13 -23.60
C LEU A 187 -15.83 -2.61 -23.03
N PHE A 188 -15.36 -1.50 -23.60
CA PHE A 188 -14.11 -0.87 -23.17
C PHE A 188 -14.15 -0.52 -21.69
N GLY A 189 -15.27 0.06 -21.25
CA GLY A 189 -15.41 0.50 -19.87
C GLY A 189 -15.50 -0.64 -18.87
N THR A 190 -15.85 -1.83 -19.35
CA THR A 190 -15.98 -3.00 -18.49
C THR A 190 -14.66 -3.78 -18.42
N VAL A 191 -13.92 -3.78 -19.52
CA VAL A 191 -12.60 -4.42 -19.56
C VAL A 191 -11.67 -3.80 -18.51
N VAL A 192 -11.75 -2.49 -18.36
CA VAL A 192 -10.92 -1.80 -17.38
C VAL A 192 -11.41 -2.00 -15.94
N ASP A 193 -12.73 -2.11 -15.77
CA ASP A 193 -13.31 -2.28 -14.44
C ASP A 193 -13.13 -3.72 -13.97
N ASN A 194 -13.17 -4.66 -14.91
CA ASN A 194 -12.87 -6.05 -14.61
C ASN A 194 -11.41 -6.18 -14.21
N PHE A 195 -10.54 -5.50 -14.95
CA PHE A 195 -9.11 -5.48 -14.65
C PHE A 195 -8.84 -4.80 -13.32
N TYR A 196 -9.39 -3.60 -13.14
CA TYR A 196 -9.15 -2.80 -11.95
C TYR A 196 -9.55 -3.55 -10.68
N LEU A 197 -10.65 -4.31 -10.74
CA LEU A 197 -11.12 -5.07 -9.59
C LEU A 197 -10.24 -6.29 -9.32
N VAL A 198 -9.92 -7.05 -10.38
CA VAL A 198 -9.06 -8.22 -10.26
C VAL A 198 -7.70 -7.85 -9.67
N ALA A 199 -7.08 -6.83 -10.26
CA ALA A 199 -5.80 -6.33 -9.76
C ALA A 199 -5.94 -5.78 -8.35
N LEU A 200 -7.09 -5.18 -8.05
CA LEU A 200 -7.37 -4.69 -6.70
C LEU A 200 -7.41 -5.88 -5.74
N ILE A 201 -8.19 -6.90 -6.09
CA ILE A 201 -8.33 -8.10 -5.26
C ILE A 201 -7.00 -8.75 -4.90
N LEU A 202 -6.11 -8.90 -5.88
CA LEU A 202 -4.78 -9.43 -5.64
C LEU A 202 -4.01 -8.54 -4.67
N ALA A 203 -4.02 -7.24 -4.94
CA ALA A 203 -3.31 -6.25 -4.15
C ALA A 203 -3.77 -6.24 -2.69
N MET A 204 -5.08 -6.35 -2.48
CA MET A 204 -5.64 -6.38 -1.12
C MET A 204 -5.50 -7.78 -0.53
N GLY A 205 -5.39 -8.78 -1.40
CA GLY A 205 -5.19 -10.16 -0.97
C GLY A 205 -3.76 -10.38 -0.51
N THR A 206 -2.83 -9.57 -1.02
CA THR A 206 -1.43 -9.65 -0.63
C THR A 206 -1.21 -8.97 0.73
N SER A 207 -2.05 -7.98 1.03
CA SER A 207 -1.96 -7.28 2.30
C SER A 207 -2.29 -8.22 3.46
N LEU A 208 -3.00 -9.30 3.14
CA LEU A 208 -3.32 -10.32 4.12
C LEU A 208 -2.15 -11.29 4.24
N GLY A 209 -1.53 -11.61 3.11
CA GLY A 209 -0.37 -12.49 3.10
C GLY A 209 0.79 -11.93 3.91
N LEU A 210 0.83 -10.60 4.03
CA LEU A 210 1.84 -9.94 4.84
C LEU A 210 1.38 -9.78 6.28
N ALA A 211 0.05 -9.73 6.45
CA ALA A 211 -0.54 -9.43 7.76
C ALA A 211 -0.57 -10.61 8.72
N THR A 212 -1.22 -11.70 8.30
CA THR A 212 -1.39 -12.87 9.17
C THR A 212 -0.11 -13.45 9.79
N PRO A 213 0.97 -13.62 9.00
CA PRO A 213 2.13 -14.25 9.63
C PRO A 213 2.76 -13.38 10.71
N LEU A 214 2.62 -12.06 10.57
CA LEU A 214 3.03 -11.14 11.62
C LEU A 214 2.19 -11.39 12.88
N VAL A 215 0.88 -11.48 12.69
CA VAL A 215 -0.06 -11.68 13.79
C VAL A 215 0.16 -13.03 14.50
N THR A 216 0.55 -14.04 13.72
CA THR A 216 0.75 -15.39 14.26
C THR A 216 2.08 -15.54 15.01
N GLU A 217 3.11 -14.84 14.56
CA GLU A 217 4.40 -14.87 15.25
C GLU A 217 4.28 -14.18 16.61
N CYS A 218 3.48 -13.12 16.65
CA CYS A 218 3.17 -12.46 17.91
C CYS A 218 2.48 -13.44 18.85
N ILE A 219 1.54 -14.20 18.29
CA ILE A 219 0.85 -15.24 19.03
C ILE A 219 1.81 -16.31 19.56
N GLN A 220 2.74 -16.73 18.70
CA GLN A 220 3.72 -17.75 19.06
C GLN A 220 4.64 -17.27 20.17
N TYR A 221 4.85 -15.96 20.25
CA TYR A 221 5.73 -15.38 21.24
C TYR A 221 5.05 -15.22 22.59
N LEU A 222 3.78 -14.83 22.57
CA LEU A 222 3.04 -14.52 23.78
C LEU A 222 2.35 -15.74 24.38
N PHE A 223 1.91 -16.65 23.51
CA PHE A 223 1.08 -17.77 23.94
C PHE A 223 1.79 -19.12 23.75
N GLY A 224 2.82 -19.12 22.90
CA GLY A 224 3.63 -20.31 22.71
C GLY A 224 3.13 -21.26 21.64
N ILE A 225 1.93 -21.00 21.11
CA ILE A 225 1.35 -21.87 20.09
C ILE A 225 2.13 -21.81 18.78
N PRO A 226 2.39 -22.99 18.19
CA PRO A 226 3.26 -23.13 17.00
C PRO A 226 2.68 -22.47 15.75
N HIS A 227 3.52 -21.72 15.05
CA HIS A 227 3.11 -21.10 13.78
C HIS A 227 3.02 -22.15 12.69
N THR A 228 1.81 -22.39 12.21
CA THR A 228 1.58 -23.34 11.13
C THR A 228 0.67 -22.72 10.07
N LEU A 229 0.69 -23.29 8.88
CA LEU A 229 -0.19 -22.85 7.79
C LEU A 229 -1.64 -23.08 8.19
N GLN A 230 -1.86 -24.10 9.03
CA GLN A 230 -3.18 -24.42 9.55
C GLN A 230 -3.66 -23.31 10.49
N LEU A 231 -2.71 -22.70 11.20
CA LEU A 231 -3.03 -21.59 12.11
C LEU A 231 -3.33 -20.31 11.35
N ASP A 232 -2.60 -20.10 10.25
CA ASP A 232 -2.82 -18.95 9.38
C ASP A 232 -4.23 -18.99 8.79
N ALA A 233 -4.70 -20.20 8.53
CA ALA A 233 -6.04 -20.40 7.99
C ALA A 233 -7.12 -20.07 9.03
N ILE A 234 -6.79 -20.24 10.30
CA ILE A 234 -7.73 -19.96 11.39
C ILE A 234 -8.00 -18.46 11.52
N ILE A 235 -6.97 -17.71 11.88
CA ILE A 235 -7.07 -16.27 12.11
C ILE A 235 -7.78 -15.53 10.98
N ILE A 236 -7.44 -15.89 9.75
CA ILE A 236 -8.11 -15.33 8.57
C ILE A 236 -9.62 -15.56 8.64
N SER A 237 -10.01 -16.80 8.96
CA SER A 237 -11.42 -17.14 9.12
C SER A 237 -12.05 -16.35 10.25
N CYS A 238 -11.33 -16.23 11.36
CA CYS A 238 -11.80 -15.48 12.52
C CYS A 238 -11.95 -14.00 12.18
N TRP A 239 -11.14 -13.52 11.25
CA TRP A 239 -11.24 -12.14 10.77
C TRP A 239 -12.48 -11.95 9.91
N ILE A 240 -12.82 -12.96 9.13
CA ILE A 240 -14.03 -12.93 8.33
C ILE A 240 -15.25 -12.87 9.24
N LEU A 241 -15.25 -13.71 10.28
CA LEU A 241 -16.31 -13.74 11.27
C LEU A 241 -16.45 -12.39 11.98
N LEU A 242 -15.32 -11.87 12.46
CA LEU A 242 -15.28 -10.58 13.15
C LEU A 242 -15.88 -9.48 12.29
N ASN A 243 -15.61 -9.52 10.99
CA ASN A 243 -16.15 -8.53 10.06
C ASN A 243 -17.58 -8.84 9.65
N ALA A 244 -17.90 -10.14 9.55
CA ALA A 244 -19.25 -10.57 9.18
C ALA A 244 -20.26 -10.17 10.25
N ILE A 245 -19.84 -10.24 11.52
CA ILE A 245 -20.65 -9.80 12.63
C ILE A 245 -20.73 -8.28 12.64
N CYS A 246 -19.60 -7.63 12.44
CA CYS A 246 -19.51 -6.17 12.46
C CYS A 246 -20.40 -5.50 11.41
N VAL A 247 -20.48 -6.07 10.21
CA VAL A 247 -21.31 -5.47 9.16
C VAL A 247 -22.80 -5.72 9.39
N ALA A 248 -23.14 -6.96 9.76
CA ALA A 248 -24.54 -7.36 9.89
C ALA A 248 -25.28 -6.55 10.96
N PHE A 249 -24.60 -6.30 12.08
CA PHE A 249 -25.24 -5.64 13.21
C PHE A 249 -24.91 -4.15 13.23
N GLY A 250 -24.70 -3.57 12.05
CA GLY A 250 -24.32 -2.18 11.94
C GLY A 250 -22.90 -1.96 12.41
N LEU A 251 -22.74 -1.75 13.71
CA LEU A 251 -21.43 -1.66 14.36
C LEU A 251 -20.41 -0.72 13.72
N GLN A 252 -20.89 0.19 12.86
CA GLN A 252 -20.02 1.15 12.20
C GLN A 252 -19.41 2.12 13.22
N LYS A 253 -20.00 2.15 14.41
CA LYS A 253 -19.43 2.89 15.53
C LYS A 253 -18.11 2.27 15.98
N GLY A 254 -18.20 1.07 16.55
CA GLY A 254 -17.06 0.37 17.14
C GLY A 254 -15.85 0.22 16.24
N VAL A 255 -16.09 0.03 14.94
CA VAL A 255 -15.00 -0.09 13.97
C VAL A 255 -14.20 1.21 13.90
N LYS A 256 -14.89 2.34 13.93
CA LYS A 256 -14.25 3.65 13.89
C LYS A 256 -13.41 3.92 15.15
N ILE A 257 -13.90 3.47 16.31
CA ILE A 257 -13.14 3.58 17.56
C ILE A 257 -11.88 2.74 17.51
N ALA A 258 -12.02 1.48 17.11
CA ALA A 258 -10.88 0.58 16.94
C ALA A 258 -9.85 1.19 15.99
N SER A 259 -10.34 1.75 14.88
CA SER A 259 -9.48 2.44 13.94
C SER A 259 -8.81 3.66 14.58
N ASP A 260 -9.53 4.31 15.49
CA ASP A 260 -8.94 5.41 16.27
C ASP A 260 -7.84 4.88 17.18
N VAL A 261 -8.15 3.84 17.96
CA VAL A 261 -7.19 3.29 18.91
C VAL A 261 -5.92 2.77 18.21
N GLU A 262 -6.10 2.17 17.03
CA GLU A 262 -4.98 1.68 16.22
C GLU A 262 -3.99 2.81 15.91
N THR A 263 -4.54 3.96 15.53
CA THR A 263 -3.74 5.15 15.28
C THR A 263 -3.01 5.60 16.54
N TYR A 264 -3.77 5.88 17.59
CA TYR A 264 -3.19 6.35 18.85
C TYR A 264 -2.22 5.34 19.47
N LEU A 265 -2.45 4.06 19.21
CA LEU A 265 -1.50 3.02 19.62
C LEU A 265 -0.22 3.11 18.78
N SER A 266 -0.38 3.22 17.46
CA SER A 266 0.75 3.30 16.53
C SER A 266 1.80 4.32 16.97
N PHE A 267 1.33 5.45 17.50
CA PHE A 267 2.23 6.47 18.01
C PHE A 267 2.98 6.02 19.27
N LEU A 268 2.31 5.24 20.10
CA LEU A 268 2.88 4.76 21.36
C LEU A 268 4.06 3.83 21.09
N MET A 269 3.85 2.87 20.20
CA MET A 269 4.88 1.88 19.87
C MET A 269 6.07 2.52 19.14
N LEU A 270 5.79 3.47 18.25
CA LEU A 270 6.85 4.21 17.58
C LEU A 270 7.64 5.02 18.60
N GLY A 271 6.92 5.79 19.42
CA GLY A 271 7.52 6.53 20.50
C GLY A 271 8.29 5.62 21.42
N TRP A 272 7.77 4.42 21.66
CA TRP A 272 8.45 3.44 22.49
C TRP A 272 9.77 3.00 21.88
N VAL A 273 9.71 2.40 20.69
CA VAL A 273 10.91 1.94 19.99
C VAL A 273 11.91 3.08 19.80
N PHE A 274 11.41 4.28 19.56
CA PHE A 274 12.28 5.45 19.41
C PHE A 274 12.96 5.84 20.72
N ILE A 275 12.22 5.69 21.83
CA ILE A 275 12.74 6.06 23.15
C ILE A 275 13.83 5.11 23.64
N VAL A 276 13.60 3.81 23.51
CA VAL A 276 14.53 2.81 24.06
C VAL A 276 15.41 2.14 23.00
N GLY A 277 15.15 2.42 21.73
CA GLY A 277 15.95 1.88 20.66
C GLY A 277 17.05 2.82 20.22
N GLY A 278 17.59 3.56 21.18
CA GLY A 278 18.66 4.50 20.90
C GLY A 278 18.17 5.71 20.11
N ALA A 279 17.65 6.71 20.83
CA ALA A 279 17.13 7.91 20.20
C ALA A 279 18.24 8.75 19.57
N SER A 280 19.43 8.69 20.15
CA SER A 280 20.58 9.44 19.66
C SER A 280 20.96 9.01 18.24
N PHE A 281 21.06 7.69 18.03
CA PHE A 281 21.41 7.15 16.73
C PHE A 281 20.37 7.49 15.68
N ILE A 282 19.11 7.20 15.99
CA ILE A 282 18.00 7.40 15.06
C ILE A 282 17.92 8.84 14.53
N VAL A 283 18.11 9.82 15.41
CA VAL A 283 18.11 11.22 15.00
C VAL A 283 19.32 11.52 14.10
N ASN A 284 20.50 11.07 14.53
CA ASN A 284 21.71 11.20 13.72
C ASN A 284 21.58 10.52 12.37
N TYR A 285 21.24 9.23 12.41
CA TYR A 285 21.11 8.41 11.21
C TYR A 285 20.11 9.02 10.23
N PHE A 286 18.97 9.48 10.75
CA PHE A 286 17.96 10.15 9.93
C PHE A 286 18.57 11.35 9.23
N THR A 287 19.14 12.26 10.02
CA THR A 287 19.81 13.45 9.50
C THR A 287 20.85 13.07 8.44
N ASP A 288 21.63 12.03 8.72
CA ASP A 288 22.66 11.57 7.79
C ASP A 288 22.05 10.94 6.53
N SER A 289 20.84 10.41 6.66
CA SER A 289 20.20 9.73 5.53
C SER A 289 19.22 10.62 4.75
N VAL A 290 18.99 11.83 5.25
CA VAL A 290 18.21 12.80 4.49
C VAL A 290 19.11 13.42 3.43
N GLY A 291 20.32 13.80 3.84
CA GLY A 291 21.29 14.38 2.92
C GLY A 291 21.80 13.37 1.91
N THR A 292 21.83 12.10 2.30
CA THR A 292 22.24 11.03 1.40
C THR A 292 21.15 10.79 0.38
N LEU A 293 19.90 10.98 0.80
CA LEU A 293 18.75 10.86 -0.10
C LEU A 293 18.78 11.92 -1.19
N LEU A 294 18.83 13.18 -0.77
CA LEU A 294 18.79 14.32 -1.68
C LEU A 294 19.90 14.29 -2.71
N MET A 295 21.06 13.75 -2.34
CA MET A 295 22.21 13.73 -3.23
C MET A 295 22.08 12.66 -4.32
N TYR A 296 21.64 11.46 -3.93
CA TYR A 296 21.56 10.33 -4.87
C TYR A 296 20.18 10.19 -5.50
N MET A 297 19.26 11.08 -5.15
CA MET A 297 17.87 10.98 -5.59
C MET A 297 17.63 10.78 -7.11
N PRO A 298 18.30 11.58 -7.95
CA PRO A 298 18.09 11.33 -9.39
C PRO A 298 18.65 9.98 -9.84
N ARG A 299 19.60 9.43 -9.09
CA ARG A 299 20.21 8.14 -9.40
C ARG A 299 19.25 7.00 -9.04
N MET A 300 18.62 7.11 -7.89
CA MET A 300 17.64 6.12 -7.43
C MET A 300 16.41 6.13 -8.33
N LEU A 301 16.02 7.33 -8.74
CA LEU A 301 14.80 7.53 -9.50
C LEU A 301 14.92 6.96 -10.91
N PHE A 302 16.14 6.95 -11.43
CA PHE A 302 16.39 6.45 -12.78
C PHE A 302 17.36 5.27 -12.76
N TYR A 303 17.18 4.37 -11.79
CA TYR A 303 18.08 3.22 -11.66
C TYR A 303 17.52 2.00 -12.39
N THR A 304 18.38 1.30 -13.12
CA THR A 304 17.99 0.10 -13.84
C THR A 304 19.11 -0.95 -13.83
N ASP A 305 20.34 -0.47 -13.65
CA ASP A 305 21.53 -1.32 -13.60
C ASP A 305 21.63 -2.29 -14.80
N PRO A 306 21.77 -1.72 -16.02
CA PRO A 306 21.79 -2.56 -17.22
C PRO A 306 23.20 -3.03 -17.55
N ILE A 307 24.20 -2.51 -16.85
CA ILE A 307 25.59 -2.78 -17.18
C ILE A 307 26.24 -3.75 -16.20
N GLY A 308 25.69 -3.84 -14.99
CA GLY A 308 26.19 -4.76 -13.98
C GLY A 308 25.23 -5.89 -13.74
N LYS A 309 23.97 -5.66 -14.12
CA LYS A 309 22.89 -6.65 -13.94
C LYS A 309 22.81 -7.15 -12.51
N GLY A 310 22.93 -6.24 -11.55
CA GLY A 310 22.86 -6.58 -10.15
C GLY A 310 21.48 -7.08 -9.76
N GLY A 311 20.46 -6.37 -10.22
CA GLY A 311 19.08 -6.77 -9.97
C GLY A 311 18.40 -5.99 -8.87
N PHE A 312 19.04 -4.93 -8.38
CA PHE A 312 18.48 -4.14 -7.28
C PHE A 312 17.18 -3.39 -7.65
N PRO A 313 17.21 -2.53 -8.67
CA PRO A 313 16.00 -1.74 -8.96
C PRO A 313 14.81 -2.64 -9.28
N GLN A 314 15.07 -3.68 -10.07
CA GLN A 314 14.05 -4.66 -10.42
C GLN A 314 13.46 -5.33 -9.19
N ALA A 315 14.31 -5.67 -8.22
CA ALA A 315 13.86 -6.32 -7.00
C ALA A 315 13.00 -5.41 -6.13
N TRP A 316 13.47 -4.20 -5.88
CA TRP A 316 12.81 -3.30 -4.95
C TRP A 316 12.16 -2.08 -5.60
N THR A 317 12.91 -1.36 -6.42
CA THR A 317 12.46 -0.08 -6.95
C THR A 317 11.22 -0.19 -7.85
N VAL A 318 11.15 -1.23 -8.68
CA VAL A 318 10.01 -1.37 -9.58
C VAL A 318 8.82 -2.08 -8.92
N PHE A 319 9.10 -2.95 -7.95
CA PHE A 319 8.04 -3.68 -7.26
C PHE A 319 7.28 -2.74 -6.32
N TYR A 320 8.01 -1.84 -5.68
CA TYR A 320 7.38 -0.79 -4.88
C TYR A 320 6.55 0.12 -5.77
N TRP A 321 7.12 0.53 -6.90
CA TRP A 321 6.40 1.38 -7.85
C TRP A 321 5.10 0.73 -8.30
N ALA A 322 5.13 -0.59 -8.46
CA ALA A 322 3.93 -1.34 -8.81
C ALA A 322 2.93 -1.36 -7.66
N TRP A 323 3.44 -1.25 -6.43
CA TRP A 323 2.59 -1.22 -5.25
C TRP A 323 1.98 0.16 -5.13
N TRP A 324 2.68 1.16 -5.66
CA TRP A 324 2.22 2.53 -5.65
C TRP A 324 1.24 2.80 -6.78
N VAL A 325 1.51 2.21 -7.95
CA VAL A 325 0.61 2.31 -9.10
C VAL A 325 -0.79 1.81 -8.75
N ILE A 326 -0.86 0.69 -8.04
CA ILE A 326 -2.12 0.04 -7.71
C ILE A 326 -3.05 0.88 -6.81
N TYR A 327 -2.57 1.23 -5.63
CA TYR A 327 -3.40 1.90 -4.63
C TYR A 327 -3.66 3.38 -4.95
N ALA A 328 -3.28 3.80 -6.15
CA ALA A 328 -3.48 5.18 -6.59
C ALA A 328 -4.93 5.61 -6.44
N ILE A 329 -5.79 5.14 -7.34
CA ILE A 329 -7.22 5.44 -7.29
C ILE A 329 -7.81 5.08 -5.93
N GLN A 330 -7.38 3.95 -5.37
CA GLN A 330 -7.81 3.50 -4.06
C GLN A 330 -7.61 4.58 -3.00
N MET A 331 -6.41 5.17 -2.99
CA MET A 331 -6.03 6.15 -1.98
C MET A 331 -6.34 7.59 -2.42
N SER A 332 -6.21 7.86 -3.71
CA SER A 332 -6.47 9.20 -4.24
C SER A 332 -7.94 9.58 -4.07
N ILE A 333 -8.82 8.59 -4.16
CA ILE A 333 -10.24 8.81 -3.85
C ILE A 333 -10.37 9.29 -2.42
N PHE A 334 -9.74 8.56 -1.49
CA PHE A 334 -9.76 8.89 -0.08
C PHE A 334 -9.31 10.32 0.17
N LEU A 335 -8.12 10.66 -0.33
CA LEU A 335 -7.57 12.01 -0.19
C LEU A 335 -8.50 13.05 -0.80
N ALA A 336 -9.15 12.69 -1.89
CA ALA A 336 -10.08 13.59 -2.56
C ALA A 336 -11.31 13.84 -1.70
N ARG A 337 -11.88 12.77 -1.15
CA ARG A 337 -13.09 12.84 -0.34
C ARG A 337 -12.96 13.78 0.86
N ILE A 338 -11.74 13.89 1.39
CA ILE A 338 -11.49 14.67 2.59
C ILE A 338 -10.95 16.06 2.28
N SER A 339 -10.32 16.21 1.11
CA SER A 339 -9.75 17.50 0.71
C SER A 339 -10.80 18.42 0.13
N LYS A 340 -12.01 18.31 0.66
CA LYS A 340 -13.16 19.10 0.19
C LYS A 340 -13.00 20.58 0.49
N GLY A 341 -13.25 21.41 -0.53
CA GLY A 341 -13.27 22.85 -0.35
C GLY A 341 -11.90 23.51 -0.31
N ARG A 342 -10.86 22.77 -0.64
CA ARG A 342 -9.52 23.34 -0.64
CA ARG A 342 -9.49 23.27 -0.64
C ARG A 342 -9.03 23.61 -2.05
N THR A 343 -7.92 24.32 -2.16
CA THR A 343 -7.34 24.64 -3.46
C THR A 343 -6.22 23.65 -3.78
N VAL A 344 -6.05 23.34 -5.07
CA VAL A 344 -5.17 22.24 -5.47
C VAL A 344 -3.70 22.41 -5.07
N ARG A 345 -3.27 23.64 -4.86
CA ARG A 345 -1.89 23.87 -4.43
C ARG A 345 -1.71 23.49 -2.96
N GLU A 346 -2.73 23.78 -2.15
CA GLU A 346 -2.65 23.49 -0.72
C GLU A 346 -3.03 22.05 -0.42
N LEU A 347 -3.66 21.37 -1.38
CA LEU A 347 -3.85 19.94 -1.28
C LEU A 347 -2.50 19.28 -1.42
N CYS A 348 -1.91 19.38 -2.62
CA CYS A 348 -0.60 18.80 -2.92
C CYS A 348 0.47 19.10 -1.88
N LEU A 349 0.36 20.26 -1.22
CA LEU A 349 1.35 20.68 -0.23
C LEU A 349 1.16 19.99 1.12
N GLY A 350 -0.02 20.17 1.72
CA GLY A 350 -0.32 19.57 3.00
C GLY A 350 -0.35 18.06 2.93
N MET A 351 -0.73 17.55 1.76
CA MET A 351 -0.77 16.11 1.50
C MET A 351 0.62 15.50 1.59
N VAL A 352 1.51 15.94 0.71
CA VAL A 352 2.87 15.42 0.64
C VAL A 352 3.60 15.53 1.98
N SER A 353 3.45 16.67 2.64
CA SER A 353 4.07 16.88 3.94
C SER A 353 3.49 15.93 5.01
N GLY A 354 2.18 16.03 5.24
CA GLY A 354 1.51 15.22 6.24
C GLY A 354 1.68 13.73 6.05
N LEU A 355 1.65 13.29 4.80
CA LEU A 355 1.84 11.88 4.47
C LEU A 355 3.27 11.43 4.77
N THR A 356 4.23 12.12 4.16
CA THR A 356 5.65 11.79 4.29
C THR A 356 6.07 11.72 5.76
N ALA A 357 5.59 12.67 6.56
CA ALA A 357 5.86 12.68 7.98
C ALA A 357 5.43 11.37 8.64
N GLY A 358 4.32 10.82 8.15
CA GLY A 358 3.82 9.56 8.65
C GLY A 358 4.67 8.38 8.24
N THR A 359 5.07 8.35 6.98
CA THR A 359 5.83 7.23 6.44
C THR A 359 7.31 7.29 6.81
N TRP A 360 7.89 8.49 6.76
CA TRP A 360 9.29 8.68 7.15
C TRP A 360 9.49 8.29 8.61
N LEU A 361 8.53 8.66 9.45
CA LEU A 361 8.59 8.36 10.88
C LEU A 361 8.75 6.86 11.12
N ILE A 362 7.94 6.07 10.42
CA ILE A 362 7.92 4.63 10.61
C ILE A 362 9.22 3.95 10.18
N TRP A 363 9.61 4.14 8.92
CA TRP A 363 10.79 3.47 8.38
C TRP A 363 12.10 3.79 9.09
N THR A 364 12.19 4.97 9.69
CA THR A 364 13.41 5.35 10.40
C THR A 364 13.43 4.79 11.82
N ILE A 365 12.29 4.84 12.50
CA ILE A 365 12.18 4.28 13.84
C ILE A 365 12.35 2.75 13.79
N LEU A 366 11.60 2.11 12.90
CA LEU A 366 11.63 0.65 12.82
C LEU A 366 12.86 0.12 12.09
N GLY A 367 13.27 0.80 11.02
CA GLY A 367 14.41 0.38 10.24
C GLY A 367 15.73 0.71 10.90
N GLY A 368 15.83 1.93 11.43
CA GLY A 368 17.02 2.36 12.15
C GLY A 368 17.24 1.52 13.39
N ASN A 369 16.15 1.01 13.95
CA ASN A 369 16.23 0.09 15.07
C ASN A 369 16.76 -1.28 14.64
N THR A 370 16.19 -1.81 13.55
CA THR A 370 16.61 -3.10 13.01
C THR A 370 18.09 -3.14 12.68
N LEU A 371 18.60 -2.05 12.08
CA LEU A 371 20.00 -1.93 11.73
C LEU A 371 20.90 -2.12 12.96
N GLN A 372 20.55 -1.47 14.05
CA GLN A 372 21.33 -1.53 15.29
C GLN A 372 21.49 -2.96 15.78
N LEU A 373 20.43 -3.75 15.65
CA LEU A 373 20.45 -5.13 16.10
C LEU A 373 21.37 -5.96 15.21
N ILE A 374 21.45 -5.61 13.94
CA ILE A 374 22.39 -6.22 13.02
C ILE A 374 23.79 -5.72 13.31
N ASP A 375 23.90 -4.40 13.49
CA ASP A 375 25.17 -3.74 13.78
C ASP A 375 25.85 -4.29 15.02
N GLN A 376 25.10 -4.34 16.12
CA GLN A 376 25.64 -4.79 17.40
C GLN A 376 25.61 -6.31 17.54
N ASN A 377 25.31 -6.99 16.44
CA ASN A 377 25.32 -8.47 16.39
C ASN A 377 24.39 -9.15 17.41
N ILE A 378 23.44 -8.39 17.94
CA ILE A 378 22.44 -8.92 18.84
C ILE A 378 21.64 -10.03 18.15
N LEU A 379 21.38 -9.83 16.87
CA LEU A 379 20.51 -10.72 16.11
C LEU A 379 21.12 -11.18 14.79
N ASN A 380 20.83 -12.42 14.41
CA ASN A 380 21.24 -12.95 13.12
C ASN A 380 20.05 -13.13 12.18
N ILE A 381 19.74 -12.09 11.42
CA ILE A 381 18.61 -12.09 10.49
C ILE A 381 18.64 -13.19 9.41
N PRO A 382 19.81 -13.39 8.73
CA PRO A 382 19.82 -14.41 7.68
C PRO A 382 19.50 -15.82 8.18
N GLN A 383 19.89 -16.12 9.41
CA GLN A 383 19.61 -17.43 10.00
C GLN A 383 18.11 -17.61 10.28
N LEU A 384 17.51 -16.60 10.90
CA LEU A 384 16.09 -16.62 11.23
C LEU A 384 15.22 -16.76 9.99
N ILE A 385 15.60 -16.06 8.92
CA ILE A 385 14.82 -16.08 7.68
C ILE A 385 14.90 -17.44 6.98
N ASP A 386 16.10 -18.03 6.95
CA ASP A 386 16.30 -19.33 6.33
C ASP A 386 15.53 -20.42 7.07
N GLN A 387 15.30 -20.20 8.36
CA GLN A 387 14.76 -21.24 9.24
C GLN A 387 13.26 -21.11 9.48
N TYR A 388 12.82 -19.92 9.88
CA TYR A 388 11.42 -19.69 10.24
C TYR A 388 10.68 -18.77 9.28
N GLY A 389 11.42 -18.13 8.36
CA GLY A 389 10.83 -17.21 7.42
C GLY A 389 10.98 -15.76 7.86
N VAL A 390 10.53 -14.83 7.02
CA VAL A 390 10.65 -13.40 7.29
C VAL A 390 9.95 -12.89 8.57
N PRO A 391 8.63 -13.13 8.70
CA PRO A 391 7.88 -12.49 9.79
C PRO A 391 8.39 -12.84 11.19
N ARG A 392 9.10 -13.96 11.30
CA ARG A 392 9.76 -14.34 12.54
C ARG A 392 10.91 -13.37 12.82
N ALA A 393 11.74 -13.14 11.80
CA ALA A 393 12.88 -12.24 11.90
C ALA A 393 12.46 -10.85 12.34
N ILE A 394 11.34 -10.39 11.80
CA ILE A 394 10.78 -9.08 12.15
C ILE A 394 10.33 -9.06 13.61
N ILE A 395 9.62 -10.10 14.03
CA ILE A 395 9.11 -10.22 15.39
C ILE A 395 10.24 -10.18 16.44
N GLU A 396 11.40 -10.73 16.07
CA GLU A 396 12.53 -10.79 16.98
C GLU A 396 13.24 -9.44 17.14
N THR A 397 13.04 -8.56 16.16
CA THR A 397 13.53 -7.18 16.28
C THR A 397 12.75 -6.45 17.35
N TRP A 398 11.45 -6.72 17.39
CA TRP A 398 10.56 -6.16 18.39
C TRP A 398 10.87 -6.77 19.76
N ALA A 399 11.23 -8.05 19.74
CA ALA A 399 11.50 -8.80 20.96
C ALA A 399 12.82 -8.39 21.60
N ALA A 400 13.71 -7.81 20.81
CA ALA A 400 15.01 -7.36 21.30
C ALA A 400 14.92 -5.97 21.91
N LEU A 401 13.77 -5.65 22.50
CA LEU A 401 13.57 -4.38 23.18
C LEU A 401 13.20 -4.60 24.64
N PRO A 402 13.55 -3.64 25.51
CA PRO A 402 13.13 -3.69 26.92
C PRO A 402 11.61 -3.82 27.03
N LEU A 403 11.16 -4.63 27.99
CA LEU A 403 9.76 -5.00 28.11
C LEU A 403 9.25 -5.60 26.78
N SER A 404 9.80 -6.76 26.42
CA SER A 404 9.45 -7.41 25.17
C SER A 404 7.98 -7.82 25.12
N THR A 405 7.49 -8.42 26.21
CA THR A 405 6.12 -8.90 26.26
C THR A 405 5.09 -7.77 26.12
N ALA A 406 5.27 -6.68 26.84
CA ALA A 406 4.39 -5.53 26.73
C ALA A 406 4.50 -4.92 25.33
N THR A 407 5.71 -4.96 24.78
CA THR A 407 5.96 -4.50 23.42
C THR A 407 5.27 -5.41 22.42
N MET A 408 5.47 -6.72 22.57
CA MET A 408 4.90 -7.69 21.65
C MET A 408 3.39 -7.72 21.72
N TRP A 409 2.84 -7.37 22.87
CA TRP A 409 1.41 -7.13 22.99
C TRP A 409 1.07 -5.90 22.17
N GLY A 410 1.77 -4.80 22.45
CA GLY A 410 1.56 -3.54 21.76
C GLY A 410 1.54 -3.65 20.25
N PHE A 411 2.35 -4.55 19.70
CA PHE A 411 2.35 -4.82 18.27
C PHE A 411 1.26 -5.81 17.91
N PHE A 412 1.12 -6.87 18.71
CA PHE A 412 0.10 -7.89 18.48
C PHE A 412 -1.28 -7.30 18.29
N ILE A 413 -1.73 -6.52 19.27
CA ILE A 413 -2.99 -5.78 19.18
C ILE A 413 -3.02 -4.91 17.93
N LEU A 414 -1.97 -4.11 17.74
CA LEU A 414 -1.83 -3.22 16.59
C LEU A 414 -1.92 -3.99 15.29
N CYS A 415 -0.95 -4.87 15.07
CA CYS A 415 -0.87 -5.67 13.87
C CYS A 415 -2.11 -6.53 13.64
N PHE A 416 -2.91 -6.72 14.69
CA PHE A 416 -4.17 -7.44 14.57
C PHE A 416 -5.26 -6.55 13.98
N ILE A 417 -5.75 -5.61 14.79
CA ILE A 417 -6.88 -4.76 14.42
C ILE A 417 -6.62 -3.91 13.19
N ALA A 418 -5.34 -3.70 12.87
CA ALA A 418 -4.95 -2.99 11.65
C ALA A 418 -5.43 -3.76 10.42
N THR A 419 -5.54 -5.08 10.57
CA THR A 419 -6.02 -5.93 9.49
C THR A 419 -7.53 -6.07 9.54
N VAL A 420 -8.10 -5.84 10.72
CA VAL A 420 -9.56 -5.89 10.88
C VAL A 420 -10.19 -4.72 10.14
N THR A 421 -9.63 -3.53 10.32
CA THR A 421 -10.07 -2.35 9.61
C THR A 421 -9.70 -2.42 8.14
N LEU A 422 -8.73 -3.27 7.82
CA LEU A 422 -8.30 -3.46 6.44
C LEU A 422 -9.31 -4.32 5.67
N ILE A 423 -9.81 -5.37 6.33
CA ILE A 423 -10.80 -6.25 5.72
C ILE A 423 -12.16 -5.57 5.62
N ASN A 424 -12.52 -4.82 6.66
CA ASN A 424 -13.79 -4.10 6.68
C ASN A 424 -13.89 -3.05 5.58
N ALA A 425 -12.81 -2.30 5.38
CA ALA A 425 -12.76 -1.29 4.33
C ALA A 425 -12.68 -1.94 2.95
N CYS A 426 -12.09 -3.13 2.89
CA CYS A 426 -11.94 -3.85 1.64
C CYS A 426 -13.27 -4.33 1.07
N SER A 427 -14.01 -5.10 1.87
CA SER A 427 -15.31 -5.61 1.47
C SER A 427 -16.23 -4.48 1.03
N TYR A 428 -16.12 -3.34 1.70
CA TYR A 428 -16.88 -2.15 1.36
C TYR A 428 -16.48 -1.61 -0.01
N THR A 429 -15.18 -1.44 -0.20
CA THR A 429 -14.63 -0.90 -1.45
C THR A 429 -15.05 -1.73 -2.65
N LEU A 430 -15.07 -3.05 -2.47
CA LEU A 430 -15.46 -3.98 -3.52
C LEU A 430 -16.96 -3.96 -3.77
N ALA A 431 -17.73 -4.30 -2.73
CA ALA A 431 -19.18 -4.42 -2.84
C ALA A 431 -19.86 -3.18 -3.43
N MET A 432 -19.36 -2.01 -3.05
CA MET A 432 -19.83 -0.75 -3.65
C MET A 432 -19.58 -0.73 -5.14
N SER A 433 -18.35 -1.07 -5.52
CA SER A 433 -17.94 -1.06 -6.92
C SER A 433 -18.39 -2.31 -7.67
N THR A 434 -18.91 -3.29 -6.94
CA THR A 434 -19.36 -4.54 -7.54
C THR A 434 -20.86 -4.52 -7.85
N CYS A 435 -21.63 -3.90 -6.95
CA CYS A 435 -23.07 -3.86 -7.11
C CYS A 435 -23.51 -2.71 -7.99
N ARG A 436 -24.81 -2.42 -8.00
CA ARG A 436 -25.36 -1.32 -8.79
C ARG A 436 -25.41 -0.05 -7.94
N SER A 437 -25.40 1.09 -8.61
CA SER A 437 -25.42 2.38 -7.94
C SER A 437 -26.73 2.62 -7.20
N MET A 438 -26.72 2.34 -5.89
CA MET A 438 -27.85 2.67 -5.03
C MET A 438 -27.73 4.13 -4.63
N LYS A 439 -28.54 4.56 -3.65
CA LYS A 439 -28.43 5.91 -3.12
C LYS A 439 -27.13 6.02 -2.31
N GLU A 440 -26.35 7.07 -2.56
CA GLU A 440 -25.07 7.23 -1.89
C GLU A 440 -25.21 7.36 -0.38
N GLY A 441 -24.30 6.73 0.35
CA GLY A 441 -24.35 6.73 1.80
C GLY A 441 -24.89 5.42 2.33
N ALA A 442 -25.62 4.72 1.48
CA ALA A 442 -26.21 3.44 1.87
C ALA A 442 -25.15 2.35 1.98
N ASP A 443 -25.44 1.34 2.79
CA ASP A 443 -24.54 0.20 2.97
C ASP A 443 -24.76 -0.81 1.84
N PRO A 444 -23.65 -1.28 1.23
CA PRO A 444 -23.69 -2.33 0.20
C PRO A 444 -24.48 -3.54 0.65
N PRO A 445 -25.05 -4.30 -0.31
CA PRO A 445 -25.78 -5.54 -0.03
C PRO A 445 -25.04 -6.43 0.96
N LEU A 446 -25.60 -6.55 2.16
CA LEU A 446 -24.98 -7.23 3.29
C LEU A 446 -24.26 -8.54 2.96
N LEU A 447 -24.85 -9.33 2.07
CA LEU A 447 -24.32 -10.65 1.74
C LEU A 447 -23.11 -10.62 0.80
N VAL A 448 -23.19 -9.81 -0.25
CA VAL A 448 -22.11 -9.72 -1.22
C VAL A 448 -20.84 -9.18 -0.56
N ARG A 449 -21.02 -8.39 0.50
CA ARG A 449 -19.90 -7.89 1.29
C ARG A 449 -19.09 -9.05 1.85
N ILE A 450 -19.77 -9.98 2.51
CA ILE A 450 -19.16 -11.18 3.06
C ILE A 450 -18.37 -11.97 2.03
N GLY A 451 -19.04 -12.30 0.92
CA GLY A 451 -18.46 -13.12 -0.13
C GLY A 451 -17.07 -12.69 -0.61
N TRP A 452 -16.89 -11.39 -0.77
CA TRP A 452 -15.59 -10.85 -1.18
C TRP A 452 -14.54 -11.06 -0.09
N SER A 453 -14.95 -10.86 1.16
CA SER A 453 -14.05 -11.00 2.30
C SER A 453 -13.52 -12.43 2.41
N VAL A 454 -14.31 -13.39 1.91
CA VAL A 454 -13.89 -14.78 1.87
C VAL A 454 -13.02 -15.05 0.65
N LEU A 455 -13.43 -14.47 -0.49
CA LEU A 455 -12.69 -14.60 -1.74
C LEU A 455 -11.25 -14.11 -1.60
N VAL A 456 -11.06 -13.09 -0.77
CA VAL A 456 -9.72 -12.58 -0.48
C VAL A 456 -8.93 -13.58 0.35
N GLY A 457 -9.52 -14.06 1.43
CA GLY A 457 -8.88 -14.99 2.35
C GLY A 457 -8.29 -16.21 1.67
N ILE A 458 -9.00 -16.73 0.67
CA ILE A 458 -8.52 -17.86 -0.11
C ILE A 458 -7.19 -17.51 -0.77
N ILE A 459 -7.13 -16.33 -1.38
CA ILE A 459 -5.90 -15.83 -1.98
C ILE A 459 -4.80 -15.68 -0.94
N GLY A 460 -5.12 -14.98 0.15
CA GLY A 460 -4.19 -14.78 1.24
C GLY A 460 -3.57 -16.08 1.72
N ILE A 461 -4.41 -17.08 1.93
CA ILE A 461 -3.96 -18.42 2.31
C ILE A 461 -3.02 -19.01 1.25
N ILE A 462 -3.47 -18.99 0.01
CA ILE A 462 -2.68 -19.48 -1.11
C ILE A 462 -1.32 -18.78 -1.18
N LEU A 463 -1.34 -17.47 -1.03
CA LEU A 463 -0.11 -16.68 -1.03
C LEU A 463 0.79 -17.04 0.15
N LEU A 464 0.17 -17.45 1.25
CA LEU A 464 0.89 -17.98 2.39
C LEU A 464 1.31 -19.42 2.10
N ALA A 465 0.45 -20.13 1.38
CA ALA A 465 0.69 -21.53 1.03
C ALA A 465 1.89 -21.68 0.10
N LEU A 466 2.00 -20.77 -0.86
CA LEU A 466 3.13 -20.80 -1.79
C LEU A 466 4.44 -20.46 -1.09
N GLY A 467 4.36 -19.70 0.00
CA GLY A 467 5.51 -19.37 0.80
C GLY A 467 6.46 -18.39 0.15
N GLY A 468 7.21 -17.67 0.97
CA GLY A 468 8.14 -16.67 0.46
C GLY A 468 7.45 -15.38 0.08
N LEU A 469 8.24 -14.37 -0.24
CA LEU A 469 7.71 -13.06 -0.60
C LEU A 469 7.34 -13.00 -2.09
N LYS A 470 8.03 -13.79 -2.90
CA LYS A 470 7.85 -13.81 -4.35
C LYS A 470 6.39 -13.86 -4.84
N PRO A 471 5.55 -14.70 -4.23
CA PRO A 471 4.14 -14.68 -4.65
C PRO A 471 3.51 -13.32 -4.37
N ILE A 472 3.78 -12.73 -3.22
CA ILE A 472 3.29 -11.38 -2.91
C ILE A 472 3.76 -10.40 -3.99
N GLN A 473 5.08 -10.32 -4.19
CA GLN A 473 5.68 -9.46 -5.19
C GLN A 473 5.09 -9.66 -6.59
N THR A 474 5.00 -10.90 -7.02
CA THR A 474 4.49 -11.21 -8.36
C THR A 474 3.02 -10.87 -8.50
N ALA A 475 2.26 -11.04 -7.43
CA ALA A 475 0.82 -10.75 -7.45
C ALA A 475 0.54 -9.27 -7.64
N ILE A 476 1.32 -8.43 -6.96
CA ILE A 476 1.14 -6.98 -7.06
C ILE A 476 1.72 -6.39 -8.34
N ILE A 477 2.90 -6.86 -8.74
CA ILE A 477 3.50 -6.41 -9.98
C ILE A 477 2.57 -6.75 -11.16
N ALA A 478 2.00 -7.94 -11.14
CA ALA A 478 1.04 -8.35 -12.15
C ALA A 478 -0.17 -7.40 -12.18
N GLY A 479 -0.71 -7.11 -11.00
CA GLY A 479 -1.85 -6.21 -10.89
C GLY A 479 -1.50 -4.79 -11.26
N GLY A 480 -0.23 -4.44 -11.09
CA GLY A 480 0.26 -3.11 -11.42
C GLY A 480 0.40 -2.85 -12.91
N CYS A 481 0.47 -3.91 -13.71
CA CYS A 481 0.61 -3.78 -15.17
C CYS A 481 -0.59 -3.11 -15.84
N PRO A 482 -1.83 -3.59 -15.57
CA PRO A 482 -2.94 -2.90 -16.24
C PRO A 482 -3.21 -1.53 -15.62
N LEU A 483 -3.16 -1.47 -14.29
CA LEU A 483 -3.41 -0.22 -13.57
C LEU A 483 -2.37 0.84 -13.88
N PHE A 484 -1.27 0.42 -14.51
CA PHE A 484 -0.31 1.34 -15.09
C PHE A 484 -1.07 2.29 -16.03
N PHE A 485 -1.83 1.70 -16.94
CA PHE A 485 -2.64 2.46 -17.90
C PHE A 485 -3.79 3.19 -17.23
N VAL A 486 -4.68 2.41 -16.61
CA VAL A 486 -5.89 2.91 -15.95
C VAL A 486 -5.67 4.22 -15.19
N ASN A 487 -4.56 4.30 -14.47
CA ASN A 487 -4.19 5.51 -13.75
C ASN A 487 -4.00 6.72 -14.67
N ILE A 488 -3.30 6.52 -15.79
CA ILE A 488 -3.07 7.61 -16.73
C ILE A 488 -4.37 8.04 -17.40
N MET A 489 -5.21 7.05 -17.72
CA MET A 489 -6.48 7.30 -18.39
C MET A 489 -7.36 8.22 -17.55
N VAL A 490 -7.37 7.99 -16.23
CA VAL A 490 -8.12 8.83 -15.30
C VAL A 490 -7.54 10.25 -15.26
N THR A 491 -6.22 10.35 -15.33
CA THR A 491 -5.56 11.65 -15.33
C THR A 491 -5.79 12.40 -16.64
N LEU A 492 -5.66 11.67 -17.76
CA LEU A 492 -5.88 12.26 -19.08
C LEU A 492 -7.29 12.81 -19.24
N SER A 493 -8.23 12.24 -18.49
CA SER A 493 -9.60 12.76 -18.46
C SER A 493 -9.63 14.13 -17.80
N PHE A 494 -9.13 14.19 -16.56
CA PHE A 494 -9.05 15.44 -15.81
C PHE A 494 -8.37 16.54 -16.60
N ILE A 495 -7.18 16.26 -17.09
CA ILE A 495 -6.41 17.21 -17.90
C ILE A 495 -7.25 17.74 -19.06
N LYS A 496 -7.87 16.83 -19.80
CA LYS A 496 -8.73 17.20 -20.91
C LYS A 496 -9.95 17.95 -20.42
N ASP A 497 -10.62 17.39 -19.41
CA ASP A 497 -11.87 17.95 -18.92
C ASP A 497 -11.70 19.31 -18.24
N ALA A 498 -10.64 19.46 -17.44
CA ALA A 498 -10.40 20.71 -16.72
C ALA A 498 -10.04 21.85 -17.68
N LYS A 499 -9.56 21.50 -18.87
CA LYS A 499 -9.22 22.47 -19.90
C LYS A 499 -10.47 23.20 -20.39
N VAL A 500 -11.63 22.66 -20.05
CA VAL A 500 -12.93 23.11 -20.56
C VAL A 500 -13.78 23.84 -19.52
N HIS A 501 -13.98 23.19 -18.37
CA HIS A 501 -14.89 23.71 -17.35
C HIS A 501 -14.19 24.49 -16.23
N TRP A 502 -12.89 24.68 -16.35
CA TRP A 502 -12.14 25.46 -15.36
C TRP A 502 -11.65 26.79 -15.91
N LYS A 503 -11.45 26.87 -17.23
CA LYS A 503 -11.10 28.13 -17.87
C LYS A 503 -11.88 28.34 -19.16
N1 NM2 B . 0.50 3.28 0.49
C8 NM2 B . 1.44 3.72 -0.52
O4 NM2 B . -1.81 2.93 4.62
C5 NM2 B . -1.50 1.89 3.97
O7 NM2 B . -2.38 1.00 3.76
C6 NM2 B . -0.11 1.73 3.45
C2 NM2 B . 1.25 2.95 1.73
C9 NM2 B . -0.48 4.32 0.72
C10 NM2 B . -0.19 2.10 -0.01
C3 NM2 B . 0.39 3.08 2.98
#